data_6WOL
#
_entry.id   6WOL
#
_cell.length_a   68.284
_cell.length_b   122.598
_cell.length_c   178.456
_cell.angle_alpha   90.000
_cell.angle_beta   90.000
_cell.angle_gamma   90.000
#
_symmetry.space_group_name_H-M   'C 2 2 21'
#
loop_
_entity.id
_entity.type
_entity.pdbx_description
1 polymer 'Immunoglobulin heavy constant gamma 4'
2 polymer 'IgG receptor FcRn large subunit p51'
3 polymer Beta-2-microglobulin
4 branched 2-acetamido-2-deoxy-beta-D-glucopyranose-(1-2)-alpha-D-mannopyranose-(1-3)-[2-acetamido-2-deoxy-beta-D-glucopyranose-(1-2)-alpha-D-mannopyranose-(1-6)]beta-D-mannopyranose-(1-4)-2-acetamido-2-deoxy-beta-D-glucopyranose-(1-4)-[beta-L-fucopyranose-(1-6)]2-acetamido-2-deoxy-beta-D-glucopyranose
5 water water
#
loop_
_entity_poly.entity_id
_entity_poly.type
_entity_poly.pdbx_seq_one_letter_code
_entity_poly.pdbx_strand_id
1 'polypeptide(L)'
;GPSVFLFPPKPKDTLMISRTPEVTCVVVDVSQEDPEVQFNWYVDGVEVHNAKTKPREEQFNSTYRVVSVLTVLHQDWLNG
KEYKCKVSNKGLPSSIEKTISKAKGQPREPQVYTFPPEQEEMTKNQVSLRCLVKGFYPSDIAVEWESNGQPENNYKTTKP
VLDSDGSFRLESRLTVDKSRWQEGNVFSCSVMHEACSYHLCKSLSLSLG
;
H
2 'polypeptide(L)'
;AESHLSLLYHLTAVSSPAPGTPAFWVSGWLGPQQYLSYNSLRGEAEPCGAWVWENQVSWYWEKETTDLRIKEKLFLEAFK
ALGGKGPYTLQGLLGCELGPDNTSVPTAKFALNGEEFMNFDLKQGTWGGDWPEALAISQRWQQQDKAANKELTFLLFSCP
HRLREHLERGRGNLEWKEPPSMRLKARPSSPGFSVLTCSAFSFYPPELQLRFLRNGLAAGTGQGDFGPNSDGSFHASSSL
TVKSGDEHHYCCIVQHAGLAQPLRVEL
;
A
3 'polypeptide(L)'
;IQRTPKIQVYSRHPAENGKSNFLNCYVSGFHPSDIEVDLLKNGERIEKVEHSDLSFSKDWSFYLLYYTEFTPTEKDEYAC
RVNHVTLSQPKIVKWDRDM
;
B
#
loop_
_chem_comp.id
_chem_comp.type
_chem_comp.name
_chem_comp.formula
BMA D-saccharide, beta linking beta-D-mannopyranose 'C6 H12 O6'
FUL L-saccharide, beta linking beta-L-fucopyranose 'C6 H12 O5'
MAN D-saccharide, alpha linking alpha-D-mannopyranose 'C6 H12 O6'
NAG D-saccharide, beta linking 2-acetamido-2-deoxy-beta-D-glucopyranose 'C8 H15 N O6'
#
# COMPACT_ATOMS: atom_id res chain seq x y z
N GLY A 1 13.92 -23.06 -30.31
CA GLY A 1 13.70 -21.69 -29.72
C GLY A 1 12.72 -21.73 -28.56
N PRO A 2 13.08 -21.15 -27.38
CA PRO A 2 12.19 -21.15 -26.21
C PRO A 2 10.99 -20.20 -26.38
N SER A 3 9.79 -20.65 -25.99
CA SER A 3 8.50 -19.96 -26.23
C SER A 3 8.03 -19.24 -24.97
N VAL A 4 7.57 -17.99 -25.11
CA VAL A 4 7.07 -17.11 -24.00
C VAL A 4 5.55 -16.93 -24.15
N PHE A 5 4.79 -17.26 -23.10
CA PHE A 5 3.34 -16.97 -22.97
C PHE A 5 3.10 -16.12 -21.72
N LEU A 6 2.25 -15.09 -21.83
CA LEU A 6 1.94 -14.13 -20.74
C LEU A 6 0.42 -14.11 -20.50
N PHE A 7 -0.01 -14.49 -19.31
CA PHE A 7 -1.45 -14.69 -18.95
C PHE A 7 -1.93 -13.56 -18.05
N PRO A 8 -3.15 -13.04 -18.26
CA PRO A 8 -3.71 -12.02 -17.39
C PRO A 8 -4.21 -12.61 -16.08
N PRO A 9 -4.51 -11.77 -15.07
CA PRO A 9 -5.08 -12.25 -13.82
C PRO A 9 -6.53 -12.70 -14.06
N LYS A 10 -6.98 -13.69 -13.29
CA LYS A 10 -8.41 -14.09 -13.19
C LYS A 10 -9.23 -12.81 -12.96
N PRO A 11 -10.33 -12.59 -13.71
CA PRO A 11 -11.22 -11.45 -13.46
C PRO A 11 -11.67 -11.33 -11.99
N LYS A 12 -12.09 -12.42 -11.37
CA LYS A 12 -12.55 -12.43 -9.94
C LYS A 12 -11.47 -11.83 -9.03
N ASP A 13 -10.19 -12.16 -9.25
CA ASP A 13 -9.04 -11.64 -8.45
C ASP A 13 -8.96 -10.12 -8.62
N THR A 14 -9.32 -9.54 -9.77
CA THR A 14 -9.20 -8.09 -10.05
C THR A 14 -10.43 -7.31 -9.57
N LEU A 15 -11.49 -8.02 -9.20
CA LEU A 15 -12.77 -7.39 -8.75
C LEU A 15 -12.92 -7.51 -7.23
N MET A 16 -12.07 -8.28 -6.53
CA MET A 16 -12.11 -8.43 -5.04
C MET A 16 -10.76 -8.02 -4.47
N ILE A 17 -10.75 -6.99 -3.62
CA ILE A 17 -9.51 -6.29 -3.16
C ILE A 17 -8.72 -7.22 -2.24
N SER A 18 -9.38 -8.20 -1.63
CA SER A 18 -8.77 -9.14 -0.66
C SER A 18 -8.26 -10.39 -1.38
N ARG A 19 -8.17 -10.37 -2.71
CA ARG A 19 -7.62 -11.47 -3.52
C ARG A 19 -6.34 -10.97 -4.21
N THR A 20 -5.44 -11.89 -4.58
CA THR A 20 -4.18 -11.56 -5.29
C THR A 20 -4.34 -11.78 -6.79
N PRO A 21 -4.59 -10.69 -7.56
CA PRO A 21 -4.46 -10.75 -9.02
C PRO A 21 -2.97 -10.74 -9.41
N GLU A 22 -2.52 -11.79 -10.12
CA GLU A 22 -1.13 -11.93 -10.59
C GLU A 22 -1.16 -12.17 -12.11
N VAL A 23 -0.30 -11.48 -12.86
CA VAL A 23 0.08 -11.83 -14.27
C VAL A 23 1.12 -12.96 -14.20
N THR A 24 1.11 -13.86 -15.19
CA THR A 24 1.93 -15.10 -15.20
C THR A 24 2.65 -15.21 -16.54
N CYS A 25 3.96 -15.02 -16.52
CA CYS A 25 4.89 -15.17 -17.68
C CYS A 25 5.43 -16.60 -17.70
N VAL A 26 5.25 -17.32 -18.81
CA VAL A 26 5.62 -18.78 -18.92
C VAL A 26 6.57 -18.95 -20.11
N VAL A 27 7.68 -19.64 -19.86
CA VAL A 27 8.69 -20.05 -20.90
C VAL A 27 8.66 -21.59 -21.01
N VAL A 28 8.43 -22.10 -22.21
CA VAL A 28 8.64 -23.54 -22.56
C VAL A 28 9.79 -23.66 -23.57
N ASP A 29 10.18 -24.90 -23.87
CA ASP A 29 11.16 -25.28 -24.92
C ASP A 29 12.52 -24.67 -24.56
N VAL A 30 12.89 -24.72 -23.28
CA VAL A 30 14.22 -24.33 -22.73
C VAL A 30 15.11 -25.59 -22.76
N SER A 31 16.17 -25.58 -23.59
CA SER A 31 17.09 -26.73 -23.80
C SER A 31 17.97 -26.94 -22.56
N GLN A 32 18.27 -28.20 -22.24
CA GLN A 32 19.18 -28.61 -21.13
C GLN A 32 20.62 -28.17 -21.44
N GLU A 33 20.94 -27.90 -22.72
CA GLU A 33 22.23 -27.32 -23.17
C GLU A 33 22.57 -26.13 -22.27
N ASP A 34 21.59 -25.23 -22.05
CA ASP A 34 21.75 -23.98 -21.25
C ASP A 34 20.38 -23.47 -20.81
N PRO A 35 19.90 -23.85 -19.61
CA PRO A 35 18.81 -23.13 -18.94
C PRO A 35 19.18 -21.66 -18.65
N GLU A 36 19.10 -21.21 -17.39
CA GLU A 36 19.60 -19.89 -16.92
C GLU A 36 18.69 -18.77 -17.47
N VAL A 37 17.37 -18.96 -17.38
CA VAL A 37 16.36 -17.96 -17.82
C VAL A 37 16.35 -16.81 -16.80
N GLN A 38 16.21 -15.57 -17.30
CA GLN A 38 16.24 -14.32 -16.50
C GLN A 38 15.05 -13.45 -16.93
N PHE A 39 14.20 -13.04 -15.98
CA PHE A 39 12.98 -12.24 -16.23
C PHE A 39 13.27 -10.77 -15.92
N ASN A 40 12.63 -9.87 -16.67
CA ASN A 40 12.57 -8.42 -16.37
C ASN A 40 11.12 -7.96 -16.56
N TRP A 41 10.57 -7.25 -15.57
CA TRP A 41 9.14 -6.82 -15.52
C TRP A 41 9.07 -5.30 -15.55
N TYR A 42 8.12 -4.75 -16.32
CA TYR A 42 7.86 -3.30 -16.46
C TYR A 42 6.35 -3.02 -16.39
N VAL A 43 5.97 -2.09 -15.51
CA VAL A 43 4.61 -1.52 -15.37
C VAL A 43 4.65 -0.13 -16.02
N ASP A 44 3.97 0.05 -17.15
CA ASP A 44 3.98 1.32 -17.93
C ASP A 44 5.44 1.69 -18.26
N GLY A 45 6.23 0.75 -18.77
CA GLY A 45 7.63 1.00 -19.16
C GLY A 45 8.59 1.12 -17.98
N VAL A 46 8.08 1.24 -16.75
CA VAL A 46 8.91 1.37 -15.51
C VAL A 46 9.18 -0.03 -14.96
N GLU A 47 10.43 -0.36 -14.66
CA GLU A 47 10.82 -1.69 -14.12
C GLU A 47 10.42 -1.76 -12.64
N VAL A 48 10.08 -2.97 -12.17
CA VAL A 48 9.77 -3.31 -10.74
C VAL A 48 10.44 -4.65 -10.47
N HIS A 49 10.56 -5.04 -9.19
CA HIS A 49 11.41 -6.18 -8.72
C HIS A 49 10.67 -7.06 -7.70
N ASN A 50 9.33 -7.03 -7.67
CA ASN A 50 8.49 -7.80 -6.69
C ASN A 50 8.12 -9.18 -7.27
N ALA A 51 8.46 -9.43 -8.54
CA ALA A 51 8.18 -10.69 -9.26
C ALA A 51 8.84 -11.87 -8.51
N LYS A 52 8.21 -13.04 -8.56
CA LYS A 52 8.70 -14.29 -7.95
C LYS A 52 8.80 -15.36 -9.04
N THR A 53 9.97 -16.01 -9.13
CA THR A 53 10.23 -17.13 -10.09
C THR A 53 10.25 -18.44 -9.32
N LYS A 54 9.52 -19.44 -9.81
CA LYS A 54 9.57 -20.83 -9.26
C LYS A 54 10.81 -21.47 -9.87
N PRO A 55 11.34 -22.60 -9.34
CA PRO A 55 12.48 -23.27 -9.96
C PRO A 55 12.01 -23.94 -11.25
N ARG A 56 12.91 -24.09 -12.23
CA ARG A 56 12.58 -24.71 -13.55
C ARG A 56 12.19 -26.18 -13.32
N GLU A 57 11.04 -26.59 -13.85
CA GLU A 57 10.55 -27.99 -13.77
C GLU A 57 10.79 -28.66 -15.14
N GLU A 58 11.39 -29.85 -15.11
CA GLU A 58 11.62 -30.71 -16.30
C GLU A 58 10.28 -31.27 -16.77
N GLN A 59 10.03 -31.26 -18.08
CA GLN A 59 8.85 -31.89 -18.72
C GLN A 59 9.30 -33.23 -19.32
N PHE A 60 8.35 -34.15 -19.54
CA PHE A 60 8.59 -35.54 -20.01
C PHE A 60 9.07 -35.54 -21.47
N ASN A 61 8.98 -34.40 -22.17
CA ASN A 61 9.54 -34.19 -23.53
C ASN A 61 10.94 -33.56 -23.43
N SER A 62 11.59 -33.69 -22.27
CA SER A 62 13.05 -33.49 -22.05
C SER A 62 13.46 -32.01 -22.19
N THR A 63 12.50 -31.10 -22.45
CA THR A 63 12.71 -29.63 -22.37
C THR A 63 12.53 -29.19 -20.91
N TYR A 64 12.53 -27.89 -20.66
CA TYR A 64 12.27 -27.30 -19.31
C TYR A 64 11.10 -26.32 -19.39
N ARG A 65 10.55 -26.01 -18.21
CA ARG A 65 9.52 -24.96 -18.01
C ARG A 65 9.97 -24.05 -16.86
N VAL A 66 9.64 -22.76 -16.95
CA VAL A 66 9.99 -21.71 -15.95
C VAL A 66 8.87 -20.66 -15.93
N VAL A 67 8.27 -20.42 -14.75
CA VAL A 67 7.15 -19.47 -14.55
C VAL A 67 7.63 -18.34 -13.63
N SER A 68 7.27 -17.09 -13.95
CA SER A 68 7.48 -15.90 -13.10
C SER A 68 6.16 -15.15 -12.89
N VAL A 69 5.79 -14.91 -11.62
CA VAL A 69 4.46 -14.37 -11.21
C VAL A 69 4.66 -12.98 -10.61
N LEU A 70 4.00 -11.97 -11.19
CA LEU A 70 3.98 -10.59 -10.64
C LEU A 70 2.57 -10.26 -10.13
N THR A 71 2.45 -9.96 -8.85
CA THR A 71 1.23 -9.40 -8.24
C THR A 71 1.03 -7.97 -8.75
N VAL A 72 -0.21 -7.61 -9.06
CA VAL A 72 -0.56 -6.25 -9.57
C VAL A 72 -1.48 -5.59 -8.55
N LEU A 73 -1.33 -4.28 -8.38
CA LEU A 73 -2.31 -3.39 -7.72
C LEU A 73 -3.63 -3.44 -8.50
N HIS A 74 -4.73 -3.70 -7.76
CA HIS A 74 -6.11 -3.74 -8.28
C HIS A 74 -6.37 -2.53 -9.18
N GLN A 75 -6.01 -1.32 -8.75
CA GLN A 75 -6.40 -0.07 -9.47
C GLN A 75 -5.45 0.20 -10.65
N ASP A 76 -4.22 -0.32 -10.63
CA ASP A 76 -3.28 -0.22 -11.78
C ASP A 76 -3.89 -0.97 -12.97
N TRP A 77 -4.32 -2.21 -12.73
CA TRP A 77 -4.93 -3.08 -13.77
C TRP A 77 -6.19 -2.41 -14.35
N LEU A 78 -7.06 -1.87 -13.49
CA LEU A 78 -8.34 -1.23 -13.91
C LEU A 78 -8.07 0.10 -14.60
N ASN A 79 -7.03 0.84 -14.21
CA ASN A 79 -6.63 2.11 -14.88
C ASN A 79 -6.00 1.79 -16.23
N GLY A 80 -5.75 0.51 -16.53
CA GLY A 80 -5.35 0.01 -17.86
C GLY A 80 -3.84 0.09 -18.08
N LYS A 81 -3.03 0.04 -17.02
CA LYS A 81 -1.56 0.03 -17.16
C LYS A 81 -1.14 -1.26 -17.88
N GLU A 82 0.02 -1.21 -18.56
CA GLU A 82 0.57 -2.34 -19.35
C GLU A 82 1.59 -3.09 -18.51
N TYR A 83 1.56 -4.42 -18.57
CA TYR A 83 2.51 -5.33 -17.91
C TYR A 83 3.36 -5.99 -19.00
N LYS A 84 4.68 -5.76 -18.95
CA LYS A 84 5.67 -6.25 -19.95
C LYS A 84 6.65 -7.20 -19.25
N CYS A 85 6.55 -8.50 -19.57
CA CYS A 85 7.53 -9.54 -19.20
C CYS A 85 8.56 -9.70 -20.32
N LYS A 86 9.85 -9.56 -19.99
CA LYS A 86 11.00 -9.68 -20.93
C LYS A 86 11.87 -10.86 -20.48
N VAL A 87 12.03 -11.88 -21.33
CA VAL A 87 12.74 -13.14 -20.97
C VAL A 87 14.10 -13.20 -21.68
N SER A 88 15.17 -13.51 -20.94
CA SER A 88 16.57 -13.66 -21.45
C SER A 88 17.06 -15.10 -21.29
N ASN A 89 17.82 -15.58 -22.29
CA ASN A 89 18.27 -17.00 -22.43
C ASN A 89 19.23 -17.08 -23.62
N LYS A 90 20.21 -18.00 -23.57
CA LYS A 90 21.26 -18.17 -24.60
C LYS A 90 20.79 -19.16 -25.68
N GLY A 91 19.47 -19.39 -25.76
CA GLY A 91 18.80 -20.11 -26.86
C GLY A 91 18.09 -19.15 -27.80
N LEU A 92 18.31 -17.84 -27.63
CA LEU A 92 17.74 -16.73 -28.46
C LEU A 92 18.84 -15.74 -28.81
N PRO A 93 18.71 -15.00 -29.94
CA PRO A 93 19.67 -13.94 -30.26
C PRO A 93 19.63 -12.86 -29.17
N SER A 94 18.56 -12.06 -29.15
CA SER A 94 18.20 -11.12 -28.06
C SER A 94 17.00 -11.71 -27.31
N SER A 95 16.65 -11.10 -26.17
CA SER A 95 15.43 -11.42 -25.39
C SER A 95 14.17 -11.21 -26.24
N ILE A 96 13.05 -11.80 -25.81
CA ILE A 96 11.68 -11.56 -26.36
C ILE A 96 10.82 -10.90 -25.27
N GLU A 97 10.02 -9.91 -25.68
CA GLU A 97 9.06 -9.18 -24.82
C GLU A 97 7.65 -9.61 -25.21
N LYS A 98 6.78 -9.81 -24.20
CA LYS A 98 5.31 -9.85 -24.38
C LYS A 98 4.68 -8.89 -23.36
N THR A 99 3.73 -8.06 -23.81
CA THR A 99 2.98 -7.07 -23.01
C THR A 99 1.50 -7.47 -22.94
N ILE A 100 0.92 -7.43 -21.73
CA ILE A 100 -0.52 -7.70 -21.46
C ILE A 100 -1.10 -6.53 -20.65
N SER A 101 -2.41 -6.34 -20.76
CA SER A 101 -3.14 -5.18 -20.23
C SER A 101 -4.64 -5.50 -20.19
N LYS A 102 -5.40 -4.78 -19.35
CA LYS A 102 -6.88 -4.67 -19.48
C LYS A 102 -7.15 -3.82 -20.73
N ALA A 103 -8.26 -4.04 -21.43
CA ALA A 103 -8.58 -3.32 -22.69
C ALA A 103 -9.13 -1.93 -22.34
N LYS A 104 -8.73 -0.93 -23.12
CA LYS A 104 -9.22 0.47 -22.95
C LYS A 104 -10.57 0.59 -23.63
N GLY A 105 -11.40 1.53 -23.15
CA GLY A 105 -12.77 1.81 -23.66
C GLY A 105 -13.74 2.11 -22.53
N GLN A 106 -14.77 2.91 -22.81
CA GLN A 106 -15.88 3.23 -21.88
C GLN A 106 -16.49 1.94 -21.34
N PRO A 107 -16.29 1.60 -20.05
CA PRO A 107 -16.89 0.40 -19.46
C PRO A 107 -18.43 0.45 -19.47
N ARG A 108 -19.10 -0.65 -19.86
CA ARG A 108 -20.58 -0.75 -19.86
C ARG A 108 -21.02 -1.87 -18.90
N GLU A 109 -22.08 -1.63 -18.13
CA GLU A 109 -22.64 -2.59 -17.15
C GLU A 109 -23.28 -3.77 -17.87
N PRO A 110 -23.05 -5.03 -17.40
CA PRO A 110 -23.79 -6.19 -17.89
C PRO A 110 -25.31 -6.08 -17.74
N GLN A 111 -26.05 -6.50 -18.78
CA GLN A 111 -27.50 -6.83 -18.71
C GLN A 111 -27.62 -8.35 -18.52
N VAL A 112 -28.30 -8.77 -17.45
CA VAL A 112 -28.44 -10.19 -17.02
C VAL A 112 -29.89 -10.63 -17.21
N TYR A 113 -30.06 -11.86 -17.70
CA TYR A 113 -31.35 -12.50 -18.01
C TYR A 113 -31.22 -13.96 -17.57
N THR A 114 -32.08 -14.38 -16.63
CA THR A 114 -32.14 -15.77 -16.11
C THR A 114 -33.35 -16.45 -16.76
N PHE A 115 -33.29 -17.76 -16.99
CA PHE A 115 -34.36 -18.60 -17.60
C PHE A 115 -34.48 -19.92 -16.85
N PRO A 116 -35.71 -20.33 -16.44
CA PRO A 116 -35.89 -21.64 -15.80
C PRO A 116 -36.01 -22.75 -16.83
N PRO A 117 -35.96 -24.03 -16.41
CA PRO A 117 -36.28 -25.15 -17.31
C PRO A 117 -37.71 -25.02 -17.86
N GLU A 118 -37.89 -25.29 -19.15
CA GLU A 118 -39.23 -25.32 -19.80
C GLU A 118 -39.95 -26.59 -19.32
N GLN A 119 -41.27 -26.52 -19.09
CA GLN A 119 -42.09 -27.66 -18.58
C GLN A 119 -41.90 -28.89 -19.48
N GLU A 120 -41.77 -28.67 -20.79
CA GLU A 120 -41.62 -29.73 -21.83
C GLU A 120 -40.13 -30.13 -21.87
N GLU A 121 -39.63 -30.63 -20.74
CA GLU A 121 -38.18 -30.91 -20.45
C GLU A 121 -38.06 -31.41 -19.00
N MET A 122 -39.07 -32.14 -18.50
CA MET A 122 -39.23 -32.44 -17.04
C MET A 122 -39.72 -33.88 -16.83
N THR A 123 -39.11 -34.85 -17.52
CA THR A 123 -39.03 -36.28 -17.09
C THR A 123 -37.60 -36.73 -17.42
N LYS A 124 -36.63 -35.92 -16.97
CA LYS A 124 -35.17 -36.12 -17.15
C LYS A 124 -34.52 -36.14 -15.77
N ASN A 125 -33.41 -36.88 -15.64
CA ASN A 125 -32.54 -36.96 -14.44
C ASN A 125 -32.39 -35.58 -13.78
N GLN A 126 -31.97 -34.58 -14.57
CA GLN A 126 -31.54 -33.24 -14.11
C GLN A 126 -32.12 -32.17 -15.04
N VAL A 127 -32.13 -30.91 -14.57
CA VAL A 127 -32.61 -29.73 -15.36
C VAL A 127 -31.56 -28.61 -15.31
N SER A 128 -31.48 -27.84 -16.40
CA SER A 128 -30.55 -26.70 -16.61
C SER A 128 -31.25 -25.37 -16.30
N LEU A 129 -30.58 -24.49 -15.55
CA LEU A 129 -30.99 -23.07 -15.38
C LEU A 129 -30.04 -22.25 -16.23
N ARG A 130 -30.57 -21.45 -17.16
CA ARG A 130 -29.76 -20.69 -18.14
C ARG A 130 -29.57 -19.25 -17.62
N CYS A 131 -28.42 -18.66 -17.95
CA CYS A 131 -28.02 -17.26 -17.60
C CYS A 131 -27.38 -16.59 -18.81
N LEU A 132 -27.98 -15.50 -19.31
CA LEU A 132 -27.48 -14.75 -20.49
C LEU A 132 -26.94 -13.39 -20.04
N VAL A 133 -25.66 -13.12 -20.24
CA VAL A 133 -25.02 -11.84 -19.77
C VAL A 133 -24.50 -11.13 -21.01
N LYS A 134 -24.90 -9.87 -21.23
CA LYS A 134 -24.48 -9.10 -22.43
C LYS A 134 -24.47 -7.59 -22.17
N GLY A 135 -24.03 -6.81 -23.16
CA GLY A 135 -23.90 -5.35 -23.09
C GLY A 135 -22.73 -4.89 -22.23
N PHE A 136 -21.74 -5.75 -21.98
CA PHE A 136 -20.64 -5.40 -21.06
C PHE A 136 -19.34 -5.13 -21.81
N TYR A 137 -18.51 -4.32 -21.16
CA TYR A 137 -17.18 -3.90 -21.64
C TYR A 137 -16.40 -3.39 -20.42
N PRO A 138 -15.13 -3.79 -20.23
CA PRO A 138 -14.47 -4.77 -21.08
C PRO A 138 -14.97 -6.20 -20.78
N SER A 139 -14.24 -7.21 -21.25
CA SER A 139 -14.70 -8.63 -21.29
C SER A 139 -14.36 -9.36 -19.98
N ASP A 140 -13.49 -8.78 -19.14
CA ASP A 140 -13.18 -9.33 -17.80
C ASP A 140 -14.51 -9.39 -17.04
N ILE A 141 -14.89 -10.58 -16.56
CA ILE A 141 -16.16 -10.80 -15.82
C ILE A 141 -16.05 -12.09 -15.01
N ALA A 142 -16.78 -12.21 -13.92
CA ALA A 142 -16.86 -13.46 -13.14
C ALA A 142 -18.34 -13.84 -13.04
N VAL A 143 -18.61 -15.13 -13.24
CA VAL A 143 -19.99 -15.69 -13.21
C VAL A 143 -19.92 -17.00 -12.42
N GLU A 144 -20.68 -17.08 -11.32
CA GLU A 144 -20.91 -18.34 -10.58
C GLU A 144 -22.41 -18.42 -10.21
N TRP A 145 -22.82 -19.51 -9.56
CA TRP A 145 -24.22 -19.77 -9.14
C TRP A 145 -24.25 -20.09 -7.64
N GLU A 146 -25.37 -19.81 -6.99
CA GLU A 146 -25.58 -20.11 -5.55
C GLU A 146 -27.07 -20.39 -5.30
N SER A 147 -27.36 -21.30 -4.37
CA SER A 147 -28.71 -21.69 -3.92
C SER A 147 -28.88 -21.33 -2.44
N ASN A 148 -29.88 -20.49 -2.13
CA ASN A 148 -30.20 -19.99 -0.77
C ASN A 148 -28.91 -19.41 -0.16
N GLY A 149 -28.02 -18.89 -1.01
CA GLY A 149 -26.72 -18.30 -0.63
C GLY A 149 -25.54 -19.18 -1.00
N GLN A 150 -25.61 -20.49 -0.71
CA GLN A 150 -24.43 -21.42 -0.74
C GLN A 150 -23.99 -21.63 -2.19
N PRO A 151 -22.67 -21.60 -2.49
CA PRO A 151 -22.17 -21.74 -3.86
C PRO A 151 -22.51 -23.09 -4.51
N GLU A 152 -22.27 -23.17 -5.84
CA GLU A 152 -22.65 -24.35 -6.65
C GLU A 152 -21.55 -24.77 -7.62
N ASN A 153 -21.34 -26.08 -7.71
CA ASN A 153 -20.32 -26.83 -8.47
C ASN A 153 -20.53 -27.07 -9.97
N ASN A 154 -21.72 -27.50 -10.30
CA ASN A 154 -22.06 -27.91 -11.61
C ASN A 154 -22.57 -26.81 -12.52
N TYR A 155 -21.66 -26.06 -13.13
CA TYR A 155 -22.00 -25.05 -14.12
C TYR A 155 -20.87 -24.91 -15.17
N LYS A 156 -21.26 -24.61 -16.40
CA LYS A 156 -20.39 -24.35 -17.55
C LYS A 156 -20.74 -22.95 -18.04
N THR A 157 -19.75 -22.22 -18.55
CA THR A 157 -19.88 -20.79 -18.98
C THR A 157 -19.07 -20.58 -20.25
N THR A 158 -19.66 -19.99 -21.28
CA THR A 158 -18.99 -19.68 -22.57
C THR A 158 -18.02 -18.51 -22.35
N LYS A 159 -16.95 -18.47 -23.16
CA LYS A 159 -15.97 -17.35 -23.22
C LYS A 159 -16.68 -16.10 -23.76
N PRO A 160 -16.36 -14.90 -23.24
CA PRO A 160 -16.92 -13.66 -23.80
C PRO A 160 -16.53 -13.49 -25.27
N VAL A 161 -17.49 -13.12 -26.12
CA VAL A 161 -17.33 -12.91 -27.59
C VAL A 161 -17.95 -11.55 -27.94
N LEU A 162 -17.40 -10.83 -28.91
CA LEU A 162 -17.88 -9.45 -29.21
C LEU A 162 -19.21 -9.57 -29.94
N ASP A 163 -20.14 -8.67 -29.64
CA ASP A 163 -21.46 -8.53 -30.29
C ASP A 163 -21.42 -7.40 -31.33
N SER A 164 -22.48 -7.27 -32.13
CA SER A 164 -22.58 -6.33 -33.27
C SER A 164 -22.63 -4.87 -32.80
N ASP A 165 -22.65 -4.61 -31.48
CA ASP A 165 -22.70 -3.24 -30.92
C ASP A 165 -21.40 -2.90 -30.17
N GLY A 166 -20.40 -3.78 -30.18
CA GLY A 166 -19.09 -3.53 -29.55
C GLY A 166 -19.06 -3.86 -28.07
N SER A 167 -20.16 -4.36 -27.51
CA SER A 167 -20.20 -4.95 -26.15
C SER A 167 -19.98 -6.46 -26.27
N PHE A 168 -19.75 -7.13 -25.14
CA PHE A 168 -19.48 -8.59 -25.05
C PHE A 168 -20.71 -9.33 -24.53
N ARG A 169 -20.87 -10.59 -24.94
CA ARG A 169 -21.93 -11.49 -24.42
C ARG A 169 -21.32 -12.83 -24.01
N LEU A 170 -21.98 -13.53 -23.08
CA LEU A 170 -21.72 -14.96 -22.80
C LEU A 170 -22.99 -15.60 -22.23
N GLU A 171 -22.95 -16.92 -22.04
CA GLU A 171 -24.03 -17.74 -21.45
C GLU A 171 -23.39 -18.63 -20.37
N SER A 172 -24.17 -18.98 -19.34
CA SER A 172 -23.81 -19.99 -18.33
C SER A 172 -25.02 -20.91 -18.07
N ARG A 173 -24.78 -22.22 -18.00
CA ARG A 173 -25.84 -23.22 -17.65
C ARG A 173 -25.44 -23.93 -16.35
N LEU A 174 -26.33 -23.91 -15.36
CA LEU A 174 -26.24 -24.71 -14.12
C LEU A 174 -27.14 -25.95 -14.30
N THR A 175 -26.54 -27.15 -14.19
CA THR A 175 -27.27 -28.45 -14.11
C THR A 175 -27.59 -28.71 -12.64
N VAL A 176 -28.85 -29.07 -12.33
CA VAL A 176 -29.32 -29.35 -10.94
C VAL A 176 -30.24 -30.59 -10.95
N ASP A 177 -30.40 -31.23 -9.79
CA ASP A 177 -31.36 -32.36 -9.59
C ASP A 177 -32.78 -31.81 -9.75
N LYS A 178 -33.62 -32.53 -10.51
CA LYS A 178 -35.03 -32.16 -10.78
C LYS A 178 -35.76 -31.97 -9.44
N SER A 179 -35.39 -32.77 -8.43
CA SER A 179 -35.93 -32.76 -7.04
C SER A 179 -35.65 -31.42 -6.37
N ARG A 180 -34.40 -30.97 -6.42
CA ARG A 180 -33.91 -29.74 -5.72
C ARG A 180 -34.68 -28.54 -6.29
N TRP A 181 -34.98 -28.56 -7.59
CA TRP A 181 -35.77 -27.52 -8.30
C TRP A 181 -37.26 -27.67 -7.98
N GLN A 182 -37.75 -28.91 -7.83
CA GLN A 182 -39.15 -29.27 -7.46
C GLN A 182 -39.41 -28.93 -5.99
N GLU A 183 -38.41 -29.12 -5.13
CA GLU A 183 -38.51 -28.83 -3.67
C GLU A 183 -38.52 -27.32 -3.43
N GLY A 184 -38.55 -26.51 -4.51
CA GLY A 184 -38.70 -25.04 -4.46
C GLY A 184 -37.43 -24.33 -4.01
N ASN A 185 -36.25 -24.94 -4.17
CA ASN A 185 -34.95 -24.27 -3.87
C ASN A 185 -34.84 -23.02 -4.75
N VAL A 186 -34.17 -21.98 -4.25
CA VAL A 186 -33.93 -20.68 -4.95
C VAL A 186 -32.51 -20.70 -5.52
N PHE A 187 -32.38 -20.45 -6.82
CA PHE A 187 -31.11 -20.44 -7.58
C PHE A 187 -30.83 -19.02 -8.08
N SER A 188 -29.57 -18.57 -7.97
CA SER A 188 -29.13 -17.22 -8.40
C SER A 188 -27.87 -17.31 -9.26
N CYS A 189 -27.83 -16.52 -10.34
CA CYS A 189 -26.68 -16.28 -11.26
C CYS A 189 -25.92 -15.03 -10.75
N SER A 190 -24.76 -15.23 -10.10
CA SER A 190 -23.97 -14.15 -9.46
C SER A 190 -22.91 -13.67 -10.44
N VAL A 191 -23.03 -12.42 -10.89
CA VAL A 191 -22.15 -11.81 -11.93
C VAL A 191 -21.40 -10.64 -11.30
N MET A 192 -20.08 -10.59 -11.49
CA MET A 192 -19.20 -9.50 -11.03
C MET A 192 -18.60 -8.76 -12.23
N HIS A 193 -18.74 -7.45 -12.27
CA HIS A 193 -18.16 -6.60 -13.33
C HIS A 193 -17.76 -5.23 -12.77
N GLU A 194 -16.62 -4.74 -13.25
CA GLU A 194 -16.05 -3.39 -13.10
C GLU A 194 -17.17 -2.33 -13.05
N ALA A 195 -18.09 -2.32 -14.01
CA ALA A 195 -19.07 -1.23 -14.24
C ALA A 195 -20.29 -1.40 -13.32
N CYS A 196 -20.35 -2.49 -12.56
CA CYS A 196 -21.39 -2.79 -11.55
C CYS A 196 -21.02 -2.14 -10.20
N SER A 197 -21.99 -1.48 -9.56
CA SER A 197 -21.98 -1.02 -8.14
C SER A 197 -21.37 -2.10 -7.23
N TYR A 198 -20.30 -1.75 -6.52
CA TYR A 198 -19.49 -2.64 -5.64
C TYR A 198 -18.94 -3.83 -6.42
N HIS A 199 -18.91 -3.74 -7.75
CA HIS A 199 -18.49 -4.82 -8.68
C HIS A 199 -19.51 -5.98 -8.68
N LEU A 200 -20.63 -5.84 -7.98
CA LEU A 200 -21.67 -6.91 -7.84
C LEU A 200 -22.92 -6.52 -8.65
N CYS A 201 -23.25 -7.26 -9.70
CA CYS A 201 -24.32 -6.92 -10.67
C CYS A 201 -25.65 -7.46 -10.13
N LYS A 202 -26.77 -6.77 -10.40
CA LYS A 202 -28.12 -7.30 -10.05
C LYS A 202 -28.55 -8.29 -11.13
N SER A 203 -28.99 -9.46 -10.70
CA SER A 203 -29.72 -10.48 -11.49
C SER A 203 -30.96 -10.93 -10.71
N LEU A 204 -31.96 -11.47 -11.38
CA LEU A 204 -33.19 -12.00 -10.70
C LEU A 204 -32.98 -13.49 -10.48
N SER A 205 -33.23 -13.96 -9.26
CA SER A 205 -33.07 -15.38 -8.84
C SER A 205 -34.17 -16.23 -9.48
N LEU A 206 -33.90 -17.52 -9.69
CA LEU A 206 -34.87 -18.48 -10.29
C LEU A 206 -35.34 -19.44 -9.19
N SER A 207 -36.64 -19.73 -9.16
CA SER A 207 -37.30 -20.70 -8.24
C SER A 207 -38.67 -21.08 -8.81
N LEU A 208 -38.90 -22.38 -9.05
CA LEU A 208 -40.23 -22.88 -9.50
C LEU A 208 -41.25 -22.51 -8.42
N GLY A 209 -42.33 -21.82 -8.81
CA GLY A 209 -42.61 -21.49 -10.20
C GLY A 209 -44.07 -21.10 -10.40
N HIS B 4 -3.72 25.09 4.20
CA HIS B 4 -3.12 25.25 5.58
C HIS B 4 -3.10 23.88 6.28
N LEU B 5 -3.26 23.84 7.61
CA LEU B 5 -2.85 22.64 8.42
C LEU B 5 -4.04 21.75 8.79
N SER B 6 -3.70 20.49 9.06
CA SER B 6 -4.61 19.32 9.04
C SER B 6 -4.43 18.47 10.30
N LEU B 7 -5.49 17.76 10.70
CA LEU B 7 -5.47 16.81 11.83
C LEU B 7 -5.93 15.44 11.30
N LEU B 8 -5.02 14.48 11.24
CA LEU B 8 -5.24 13.17 10.59
C LEU B 8 -4.97 12.03 11.59
N TYR B 9 -5.98 11.19 11.80
CA TYR B 9 -5.82 9.92 12.53
C TYR B 9 -5.46 8.85 11.50
N HIS B 10 -4.37 8.14 11.76
CA HIS B 10 -3.85 6.97 10.99
C HIS B 10 -4.16 5.71 11.80
N LEU B 11 -5.19 4.97 11.42
CA LEU B 11 -5.71 3.80 12.19
C LEU B 11 -5.36 2.52 11.43
N THR B 12 -5.03 1.47 12.18
CA THR B 12 -4.58 0.16 11.66
C THR B 12 -5.10 -0.93 12.60
N ALA B 13 -5.85 -1.88 12.03
CA ALA B 13 -6.23 -3.14 12.69
C ALA B 13 -5.70 -4.29 11.83
N VAL B 14 -5.15 -5.31 12.48
CA VAL B 14 -4.74 -6.56 11.79
C VAL B 14 -5.51 -7.72 12.42
N SER B 15 -5.97 -8.66 11.59
CA SER B 15 -6.81 -9.83 11.99
C SER B 15 -5.95 -10.87 12.73
N SER B 16 -4.63 -10.79 12.61
CA SER B 16 -3.67 -11.70 13.29
C SER B 16 -2.40 -10.92 13.62
N PRO B 17 -2.39 -10.16 14.72
CA PRO B 17 -1.15 -9.50 15.18
C PRO B 17 -0.13 -10.49 15.75
N ALA B 18 1.17 -10.16 15.61
CA ALA B 18 2.32 -10.92 16.17
C ALA B 18 2.14 -11.13 17.68
N PRO B 19 2.79 -12.14 18.29
CA PRO B 19 2.66 -12.36 19.73
C PRO B 19 3.11 -11.13 20.55
N GLY B 20 2.17 -10.52 21.28
CA GLY B 20 2.43 -9.46 22.28
C GLY B 20 2.46 -8.07 21.66
N THR B 21 1.69 -7.90 20.58
CA THR B 21 1.63 -6.66 19.77
C THR B 21 0.17 -6.28 19.58
N PRO B 22 -0.19 -4.98 19.52
CA PRO B 22 -1.59 -4.59 19.40
C PRO B 22 -2.22 -5.09 18.09
N ALA B 23 -3.43 -5.64 18.21
CA ALA B 23 -4.37 -5.90 17.10
C ALA B 23 -4.84 -4.59 16.47
N PHE B 24 -4.86 -3.50 17.25
CA PHE B 24 -5.37 -2.17 16.82
C PHE B 24 -4.54 -1.08 17.51
N TRP B 25 -4.09 -0.11 16.70
CA TRP B 25 -3.31 1.07 17.17
C TRP B 25 -3.53 2.25 16.21
N VAL B 26 -3.39 3.46 16.74
CA VAL B 26 -3.64 4.73 16.04
C VAL B 26 -2.51 5.71 16.39
N SER B 27 -2.01 6.46 15.39
CA SER B 27 -1.19 7.68 15.54
C SER B 27 -2.00 8.89 15.05
N GLY B 28 -2.03 9.98 15.82
CA GLY B 28 -2.71 11.25 15.46
C GLY B 28 -1.70 12.32 15.12
N TRP B 29 -1.96 13.12 14.07
CA TRP B 29 -0.97 14.04 13.46
C TRP B 29 -1.56 15.44 13.35
N LEU B 30 -0.83 16.44 13.84
CA LEU B 30 -1.04 17.87 13.51
C LEU B 30 0.06 18.26 12.53
N GLY B 31 -0.31 18.64 11.30
CA GLY B 31 0.61 18.65 10.15
C GLY B 31 1.56 17.46 10.26
N PRO B 32 2.88 17.69 10.16
CA PRO B 32 3.83 16.58 10.14
C PRO B 32 4.20 16.03 11.53
N GLN B 33 3.57 16.50 12.61
CA GLN B 33 3.95 16.11 13.99
C GLN B 33 2.91 15.13 14.54
N GLN B 34 3.36 14.04 15.17
CA GLN B 34 2.52 13.11 15.96
C GLN B 34 2.18 13.77 17.30
N TYR B 35 0.90 13.92 17.63
CA TYR B 35 0.48 14.43 18.96
C TYR B 35 -0.22 13.32 19.76
N LEU B 36 -0.73 12.27 19.10
CA LEU B 36 -1.55 11.21 19.73
C LEU B 36 -0.99 9.83 19.40
N SER B 37 -0.89 8.98 20.43
CA SER B 37 -0.64 7.52 20.32
C SER B 37 -1.74 6.79 21.11
N TYR B 38 -2.33 5.76 20.50
CA TYR B 38 -3.30 4.83 21.13
C TYR B 38 -3.06 3.42 20.59
N ASN B 39 -3.18 2.39 21.44
CA ASN B 39 -3.22 0.97 21.00
C ASN B 39 -4.14 0.13 21.89
N SER B 40 -4.55 -1.04 21.41
CA SER B 40 -5.55 -1.95 22.06
C SER B 40 -4.98 -2.61 23.32
N LEU B 41 -3.65 -2.71 23.48
CA LEU B 41 -3.02 -3.25 24.71
C LEU B 41 -3.23 -2.26 25.87
N ARG B 42 -2.93 -0.98 25.63
CA ARG B 42 -2.91 0.09 26.67
C ARG B 42 -4.34 0.58 26.93
N GLY B 43 -5.13 0.81 25.88
CA GLY B 43 -6.55 1.18 25.96
C GLY B 43 -6.76 2.67 26.25
N GLU B 44 -5.68 3.46 26.22
CA GLU B 44 -5.66 4.91 26.57
C GLU B 44 -4.94 5.69 25.46
N ALA B 45 -5.53 6.80 25.03
CA ALA B 45 -4.91 7.79 24.12
C ALA B 45 -3.96 8.69 24.93
N GLU B 46 -2.72 8.85 24.44
CA GLU B 46 -1.61 9.55 25.13
C GLU B 46 -1.01 10.59 24.20
N PRO B 47 -0.64 11.80 24.72
CA PRO B 47 0.11 12.79 23.95
C PRO B 47 1.55 12.30 23.70
N CYS B 48 2.18 12.80 22.65
CA CYS B 48 3.58 12.46 22.25
C CYS B 48 4.36 13.78 22.08
N GLY B 49 5.67 13.76 22.36
CA GLY B 49 6.55 14.94 22.17
C GLY B 49 6.12 16.13 23.02
N ALA B 50 6.24 17.33 22.47
CA ALA B 50 5.96 18.63 23.13
C ALA B 50 4.47 18.77 23.47
N TRP B 51 3.60 18.13 22.67
CA TRP B 51 2.14 18.08 22.89
C TRP B 51 1.82 17.56 24.31
N VAL B 52 2.78 16.92 24.98
CA VAL B 52 2.72 16.58 26.43
C VAL B 52 2.68 17.86 27.29
N TRP B 53 3.27 18.99 26.85
CA TRP B 53 3.33 20.30 27.57
C TRP B 53 2.11 21.17 27.27
N GLU B 54 1.20 20.72 26.41
CA GLU B 54 0.15 21.59 25.84
C GLU B 54 -0.75 22.12 26.96
N ASN B 55 -0.96 23.43 26.95
CA ASN B 55 -2.03 24.12 27.72
C ASN B 55 -3.36 23.52 27.25
N GLN B 56 -3.80 22.42 27.85
CA GLN B 56 -4.93 21.60 27.34
C GLN B 56 -5.97 21.36 28.45
N VAL B 57 -7.26 21.43 28.08
CA VAL B 57 -8.43 21.14 28.96
C VAL B 57 -8.31 19.73 29.52
N SER B 58 -8.99 19.52 30.65
CA SER B 58 -8.67 18.52 31.70
C SER B 58 -9.21 17.15 31.31
N TRP B 59 -10.19 17.13 30.41
CA TRP B 59 -10.93 15.92 29.98
C TRP B 59 -10.45 15.48 28.58
N TYR B 60 -9.64 16.31 27.90
CA TYR B 60 -9.31 16.22 26.45
C TYR B 60 -8.97 14.79 26.04
N TRP B 61 -8.18 14.09 26.86
CA TRP B 61 -7.51 12.81 26.53
C TRP B 61 -8.41 11.61 26.83
N GLU B 62 -9.50 11.80 27.56
CA GLU B 62 -10.54 10.76 27.76
C GLU B 62 -11.63 10.89 26.67
N LYS B 63 -11.84 12.08 26.09
CA LYS B 63 -12.68 12.26 24.87
C LYS B 63 -12.01 11.44 23.74
N GLU B 64 -10.68 11.52 23.64
CA GLU B 64 -9.86 10.84 22.60
C GLU B 64 -9.88 9.32 22.84
N THR B 65 -9.72 8.89 24.09
CA THR B 65 -9.79 7.46 24.48
C THR B 65 -11.17 6.92 24.10
N THR B 66 -12.21 7.67 24.42
CA THR B 66 -13.61 7.23 24.23
C THR B 66 -13.85 6.98 22.74
N ASP B 67 -13.57 7.99 21.92
CA ASP B 67 -13.81 7.97 20.46
C ASP B 67 -13.04 6.81 19.81
N LEU B 68 -11.78 6.58 20.21
CA LEU B 68 -10.85 5.61 19.55
C LEU B 68 -11.15 4.18 20.01
N ARG B 69 -11.78 3.98 21.17
CA ARG B 69 -12.23 2.63 21.62
C ARG B 69 -13.42 2.19 20.76
N ILE B 70 -14.31 3.11 20.40
CA ILE B 70 -15.47 2.81 19.51
C ILE B 70 -14.90 2.24 18.20
N LYS B 71 -13.92 2.95 17.64
CA LYS B 71 -13.28 2.64 16.33
C LYS B 71 -12.51 1.31 16.43
N GLU B 72 -11.79 1.10 17.53
CA GLU B 72 -11.09 -0.18 17.80
C GLU B 72 -12.10 -1.32 17.59
N LYS B 73 -13.24 -1.27 18.31
CA LYS B 73 -14.31 -2.30 18.26
C LYS B 73 -14.86 -2.43 16.84
N LEU B 74 -15.11 -1.31 16.15
CA LEU B 74 -15.60 -1.34 14.75
C LEU B 74 -14.57 -2.03 13.86
N PHE B 75 -13.32 -1.55 13.87
CA PHE B 75 -12.26 -2.07 12.98
C PHE B 75 -12.18 -3.59 13.14
N LEU B 76 -12.26 -4.10 14.38
CA LEU B 76 -12.15 -5.55 14.70
C LEU B 76 -13.44 -6.27 14.28
N GLU B 77 -14.59 -5.58 14.28
CA GLU B 77 -15.88 -6.12 13.80
C GLU B 77 -15.81 -6.31 12.27
N ALA B 78 -15.00 -5.51 11.57
CA ALA B 78 -14.95 -5.51 10.10
C ALA B 78 -14.49 -6.91 9.64
N PHE B 79 -13.56 -7.54 10.37
CA PHE B 79 -12.94 -8.82 9.96
C PHE B 79 -14.00 -9.92 9.95
N LYS B 80 -14.96 -9.82 10.87
CA LYS B 80 -16.10 -10.78 11.00
C LYS B 80 -16.97 -10.72 9.74
N ALA B 81 -17.17 -9.53 9.16
CA ALA B 81 -17.97 -9.28 7.94
C ALA B 81 -17.34 -9.95 6.72
N LEU B 82 -16.06 -10.36 6.78
CA LEU B 82 -15.30 -10.84 5.60
C LEU B 82 -15.25 -12.37 5.51
N GLY B 83 -14.85 -13.08 6.58
CA GLY B 83 -14.73 -14.55 6.58
C GLY B 83 -14.17 -15.11 5.27
N GLY B 84 -13.07 -14.55 4.78
CA GLY B 84 -12.36 -15.01 3.57
C GLY B 84 -11.03 -15.67 3.90
N LYS B 85 -10.98 -16.38 5.03
CA LYS B 85 -9.86 -17.28 5.43
C LYS B 85 -8.56 -16.48 5.58
N GLY B 86 -7.93 -16.08 4.46
CA GLY B 86 -6.61 -15.40 4.43
C GLY B 86 -6.59 -14.16 5.32
N PRO B 87 -5.42 -13.80 5.92
CA PRO B 87 -5.36 -12.76 6.95
C PRO B 87 -5.51 -11.33 6.40
N TYR B 88 -5.85 -10.36 7.25
CA TYR B 88 -6.33 -9.02 6.85
C TYR B 88 -5.68 -7.90 7.66
N THR B 89 -5.43 -6.79 6.99
CA THR B 89 -5.07 -5.48 7.59
C THR B 89 -6.13 -4.45 7.19
N LEU B 90 -6.75 -3.75 8.14
CA LEU B 90 -7.70 -2.67 7.82
C LEU B 90 -7.13 -1.34 8.32
N GLN B 91 -6.99 -0.38 7.40
CA GLN B 91 -6.43 0.96 7.66
C GLN B 91 -7.48 2.02 7.34
N GLY B 92 -7.46 3.10 8.11
CA GLY B 92 -8.32 4.28 7.90
C GLY B 92 -7.47 5.52 7.96
N LEU B 93 -7.71 6.46 7.06
CA LEU B 93 -7.18 7.85 7.12
C LEU B 93 -8.37 8.77 7.37
N LEU B 94 -8.51 9.26 8.61
CA LEU B 94 -9.67 10.04 9.10
C LEU B 94 -9.20 11.36 9.73
N GLY B 95 -9.80 12.47 9.30
CA GLY B 95 -9.54 13.79 9.91
C GLY B 95 -10.03 14.95 9.05
N CYS B 96 -9.51 16.16 9.30
CA CYS B 96 -9.95 17.42 8.66
C CYS B 96 -8.76 18.36 8.43
N GLU B 97 -8.97 19.38 7.60
CA GLU B 97 -8.15 20.60 7.48
C GLU B 97 -9.10 21.79 7.34
N LEU B 98 -8.75 22.96 7.89
CA LEU B 98 -9.64 24.16 7.83
C LEU B 98 -9.67 24.70 6.41
N GLY B 99 -10.86 25.07 5.94
CA GLY B 99 -11.10 25.80 4.68
C GLY B 99 -11.47 27.25 4.98
N PRO B 100 -10.95 28.25 4.22
CA PRO B 100 -11.20 29.65 4.55
C PRO B 100 -12.68 29.95 4.79
N ASP B 101 -12.99 30.61 5.90
CA ASP B 101 -14.30 31.28 6.21
C ASP B 101 -15.14 30.36 7.12
N ASN B 102 -14.58 29.98 8.28
CA ASN B 102 -15.20 29.09 9.30
C ASN B 102 -15.78 27.84 8.61
N THR B 103 -14.90 27.00 8.04
CA THR B 103 -15.24 25.76 7.28
C THR B 103 -14.08 24.76 7.38
N SER B 104 -14.37 23.46 7.44
CA SER B 104 -13.35 22.37 7.41
C SER B 104 -13.67 21.40 6.27
N VAL B 105 -12.63 20.90 5.60
CA VAL B 105 -12.73 19.91 4.48
C VAL B 105 -12.31 18.55 5.04
N PRO B 106 -13.18 17.53 5.06
CA PRO B 106 -12.90 16.28 5.76
C PRO B 106 -12.23 15.20 4.88
N THR B 107 -11.65 14.19 5.53
CA THR B 107 -11.02 13.01 4.89
C THR B 107 -11.51 11.77 5.63
N ALA B 108 -11.99 10.78 4.88
CA ALA B 108 -12.38 9.45 5.41
C ALA B 108 -12.17 8.38 4.33
N LYS B 109 -11.00 7.73 4.35
CA LYS B 109 -10.63 6.63 3.42
C LYS B 109 -10.27 5.34 4.20
N PHE B 110 -10.45 4.19 3.57
CA PHE B 110 -10.12 2.87 4.15
C PHE B 110 -9.37 2.03 3.12
N ALA B 111 -8.38 1.27 3.59
CA ALA B 111 -7.62 0.31 2.77
C ALA B 111 -7.71 -1.07 3.42
N LEU B 112 -7.98 -2.11 2.63
CA LEU B 112 -7.84 -3.53 3.03
C LEU B 112 -6.59 -4.09 2.35
N ASN B 113 -5.75 -4.83 3.10
CA ASN B 113 -4.46 -5.39 2.64
C ASN B 113 -3.63 -4.34 1.86
N GLY B 114 -3.68 -3.06 2.21
CA GLY B 114 -2.78 -2.02 1.66
C GLY B 114 -3.30 -1.31 0.41
N GLU B 115 -4.57 -1.48 0.06
CA GLU B 115 -5.20 -0.79 -1.11
C GLU B 115 -6.54 -0.16 -0.70
N GLU B 116 -6.70 1.16 -0.96
CA GLU B 116 -7.99 1.91 -0.89
C GLU B 116 -9.11 1.01 -1.43
N PHE B 117 -10.24 0.92 -0.71
CA PHE B 117 -11.44 0.18 -1.18
C PHE B 117 -12.75 0.83 -0.70
N MET B 118 -12.71 1.69 0.31
CA MET B 118 -13.93 2.22 1.00
C MET B 118 -13.66 3.67 1.42
N ASN B 119 -14.72 4.48 1.50
CA ASN B 119 -14.68 5.84 2.09
C ASN B 119 -15.96 6.07 2.88
N PHE B 120 -16.05 7.18 3.61
CA PHE B 120 -17.27 7.67 4.30
C PHE B 120 -17.65 9.02 3.67
N ASP B 121 -18.90 9.15 3.18
CA ASP B 121 -19.43 10.39 2.52
C ASP B 121 -20.11 11.25 3.60
N LEU B 122 -19.52 12.38 3.96
CA LEU B 122 -20.00 13.23 5.09
C LEU B 122 -21.32 13.92 4.70
N LYS B 123 -21.57 14.12 3.41
CA LYS B 123 -22.83 14.70 2.89
C LYS B 123 -24.02 13.77 3.13
N GLN B 124 -23.81 12.44 3.11
CA GLN B 124 -24.88 11.39 3.06
C GLN B 124 -24.94 10.61 4.38
N GLY B 125 -23.81 10.31 4.99
CA GLY B 125 -23.77 9.59 6.28
C GLY B 125 -23.63 8.09 6.06
N THR B 126 -23.06 7.68 4.92
CA THR B 126 -22.87 6.25 4.54
C THR B 126 -21.41 5.96 4.19
N TRP B 127 -21.04 4.68 4.39
CA TRP B 127 -19.80 4.05 3.89
C TRP B 127 -20.02 3.62 2.45
N GLY B 128 -19.15 4.06 1.54
CA GLY B 128 -19.18 3.70 0.12
C GLY B 128 -17.85 3.14 -0.31
N GLY B 129 -17.74 2.72 -1.56
CA GLY B 129 -16.57 2.04 -2.13
C GLY B 129 -16.95 1.40 -3.44
N ASP B 130 -15.98 0.90 -4.21
CA ASP B 130 -16.24 0.25 -5.52
C ASP B 130 -16.11 -1.27 -5.38
N TRP B 131 -16.12 -1.83 -4.16
CA TRP B 131 -15.56 -3.18 -3.88
C TRP B 131 -16.48 -4.05 -3.01
N PRO B 132 -16.63 -5.34 -3.33
CA PRO B 132 -17.55 -6.20 -2.57
C PRO B 132 -17.29 -6.13 -1.05
N GLU B 133 -16.02 -6.02 -0.66
CA GLU B 133 -15.59 -6.06 0.76
C GLU B 133 -16.00 -4.75 1.42
N ALA B 134 -16.12 -3.68 0.61
CA ALA B 134 -16.67 -2.39 1.05
C ALA B 134 -18.16 -2.57 1.37
N LEU B 135 -18.91 -3.26 0.51
CA LEU B 135 -20.36 -3.52 0.74
C LEU B 135 -20.51 -4.28 2.06
N ALA B 136 -19.72 -5.33 2.25
CA ALA B 136 -19.78 -6.25 3.42
C ALA B 136 -19.57 -5.44 4.70
N ILE B 137 -18.46 -4.71 4.82
CA ILE B 137 -18.10 -3.94 6.05
C ILE B 137 -19.09 -2.79 6.21
N SER B 138 -19.32 -2.02 5.14
CA SER B 138 -20.35 -0.94 5.08
C SER B 138 -21.63 -1.46 5.75
N GLN B 139 -22.15 -2.59 5.26
CA GLN B 139 -23.44 -3.16 5.71
C GLN B 139 -23.35 -3.56 7.19
N ARG B 140 -22.25 -4.18 7.62
CA ARG B 140 -22.03 -4.59 9.04
C ARG B 140 -21.95 -3.34 9.92
N TRP B 141 -21.22 -2.32 9.47
CA TRP B 141 -21.12 -1.03 10.18
C TRP B 141 -22.46 -0.28 10.22
N GLN B 142 -23.40 -0.54 9.29
CA GLN B 142 -24.73 0.14 9.25
C GLN B 142 -25.71 -0.55 10.20
N GLN B 143 -25.55 -1.84 10.47
CA GLN B 143 -26.36 -2.60 11.46
C GLN B 143 -25.67 -2.53 12.82
N GLN B 144 -25.39 -1.32 13.33
CA GLN B 144 -24.68 -1.12 14.62
C GLN B 144 -25.31 0.03 15.40
N ASP B 145 -25.01 0.10 16.70
CA ASP B 145 -25.37 1.23 17.60
C ASP B 145 -24.71 2.50 17.04
N LYS B 146 -25.40 3.18 16.12
CA LYS B 146 -25.14 4.59 15.71
C LYS B 146 -23.67 4.78 15.26
N ALA B 147 -23.05 3.72 14.73
CA ALA B 147 -21.70 3.75 14.11
C ALA B 147 -21.55 4.97 13.18
N ALA B 148 -22.50 5.14 12.26
CA ALA B 148 -22.43 6.16 11.19
C ALA B 148 -22.54 7.55 11.84
N ASN B 149 -23.41 7.70 12.84
CA ASN B 149 -23.62 9.02 13.51
C ASN B 149 -22.36 9.39 14.30
N LYS B 150 -21.73 8.42 14.95
CA LYS B 150 -20.42 8.56 15.65
C LYS B 150 -19.33 8.99 14.66
N GLU B 151 -19.34 8.45 13.44
CA GLU B 151 -18.35 8.78 12.37
C GLU B 151 -18.60 10.21 11.89
N LEU B 152 -19.87 10.54 11.62
CA LEU B 152 -20.31 11.93 11.30
C LEU B 152 -19.81 12.88 12.41
N THR B 153 -20.06 12.54 13.66
CA THR B 153 -19.73 13.40 14.82
C THR B 153 -18.21 13.56 14.86
N PHE B 154 -17.48 12.43 14.83
CA PHE B 154 -16.00 12.38 14.94
C PHE B 154 -15.33 13.35 13.96
N LEU B 155 -15.85 13.46 12.72
CA LEU B 155 -15.22 14.21 11.60
C LEU B 155 -15.78 15.63 11.47
N LEU B 156 -17.07 15.84 11.69
CA LEU B 156 -17.76 17.11 11.34
C LEU B 156 -17.84 18.07 12.54
N PHE B 157 -17.83 17.53 13.76
CA PHE B 157 -17.77 18.32 15.01
C PHE B 157 -16.39 18.21 15.68
N SER B 158 -16.03 17.00 16.13
CA SER B 158 -14.86 16.74 17.01
C SER B 158 -13.54 17.13 16.34
N CYS B 159 -13.28 16.70 15.09
CA CYS B 159 -11.99 16.96 14.38
C CYS B 159 -11.81 18.47 14.18
N PRO B 160 -12.81 19.21 13.65
CA PRO B 160 -12.66 20.66 13.47
C PRO B 160 -12.45 21.44 14.77
N HIS B 161 -13.02 20.97 15.88
CA HIS B 161 -12.84 21.60 17.21
C HIS B 161 -11.42 21.30 17.71
N ARG B 162 -11.08 20.03 17.88
CA ARG B 162 -9.73 19.54 18.28
C ARG B 162 -8.66 20.34 17.52
N LEU B 163 -8.73 20.35 16.19
CA LEU B 163 -7.80 21.11 15.32
C LEU B 163 -7.72 22.57 15.77
N ARG B 164 -8.87 23.27 15.84
CA ARG B 164 -8.94 24.72 16.13
C ARG B 164 -8.44 24.99 17.56
N GLU B 165 -8.67 24.08 18.49
CA GLU B 165 -8.13 24.14 19.88
C GLU B 165 -6.61 23.94 19.89
N HIS B 166 -6.06 23.08 19.04
CA HIS B 166 -4.59 22.88 18.92
C HIS B 166 -3.94 24.13 18.30
N LEU B 167 -4.58 24.76 17.31
CA LEU B 167 -4.14 26.06 16.74
C LEU B 167 -4.03 27.15 17.82
N GLU B 168 -4.90 27.15 18.83
CA GLU B 168 -4.86 28.14 19.93
C GLU B 168 -3.70 27.80 20.89
N ARG B 169 -3.66 26.56 21.37
CA ARG B 169 -2.89 26.13 22.56
C ARG B 169 -1.51 25.56 22.18
N GLY B 170 -1.38 25.02 20.96
CA GLY B 170 -0.19 24.28 20.49
C GLY B 170 0.51 24.98 19.36
N ARG B 171 -0.13 25.98 18.75
CA ARG B 171 0.58 27.09 18.05
C ARG B 171 1.84 27.36 18.87
N GLY B 172 3.00 27.25 18.23
CA GLY B 172 4.29 27.14 18.94
C GLY B 172 4.98 25.89 18.50
N ASN B 173 4.40 24.72 18.81
CA ASN B 173 4.94 23.39 18.39
C ASN B 173 5.03 23.34 16.87
N LEU B 174 4.17 24.07 16.15
CA LEU B 174 4.04 23.98 14.68
C LEU B 174 4.74 25.16 14.02
N GLU B 175 4.81 26.32 14.68
CA GLU B 175 5.57 27.51 14.21
C GLU B 175 7.05 27.30 14.51
N TRP B 176 7.39 26.20 15.21
CA TRP B 176 8.77 25.71 15.43
C TRP B 176 9.57 25.81 14.12
N LYS B 177 10.73 26.47 14.16
CA LYS B 177 11.68 26.60 13.02
C LYS B 177 13.09 26.27 13.50
N GLU B 178 13.63 25.13 13.07
CA GLU B 178 15.03 24.71 13.29
C GLU B 178 15.68 24.50 11.92
N PRO B 179 16.54 25.43 11.42
CA PRO B 179 17.18 25.23 10.13
C PRO B 179 18.20 24.10 10.21
N PRO B 180 18.58 23.47 9.07
CA PRO B 180 19.47 22.30 9.09
C PRO B 180 20.95 22.61 9.28
N SER B 181 21.68 21.78 10.01
CA SER B 181 23.16 21.66 9.93
C SER B 181 23.52 20.96 8.62
N MET B 182 24.58 21.42 7.95
CA MET B 182 24.97 20.95 6.59
C MET B 182 26.37 20.32 6.56
N ARG B 183 26.48 19.29 5.71
CA ARG B 183 27.73 18.64 5.28
C ARG B 183 27.64 18.45 3.75
N LEU B 184 28.74 18.76 3.06
CA LEU B 184 28.94 18.44 1.61
C LEU B 184 30.27 17.74 1.49
N LYS B 185 30.25 16.44 1.13
CA LYS B 185 31.43 15.53 1.21
C LYS B 185 31.55 14.73 -0.08
N ALA B 186 32.77 14.32 -0.41
CA ALA B 186 33.15 13.56 -1.62
C ALA B 186 33.77 12.24 -1.19
N ARG B 187 33.35 11.15 -1.84
CA ARG B 187 33.88 9.78 -1.66
C ARG B 187 34.18 9.22 -3.06
N PRO B 188 35.29 8.48 -3.26
CA PRO B 188 35.49 7.77 -4.52
C PRO B 188 34.46 6.65 -4.68
N SER B 189 33.94 6.48 -5.91
CA SER B 189 33.10 5.33 -6.34
C SER B 189 33.89 4.49 -7.35
N SER B 190 33.42 4.39 -8.60
CA SER B 190 34.14 3.75 -9.73
C SER B 190 35.29 4.65 -10.17
N PRO B 191 36.42 4.07 -10.67
CA PRO B 191 37.60 4.86 -11.05
C PRO B 191 37.26 5.98 -12.03
N GLY B 192 37.71 7.20 -11.73
CA GLY B 192 37.45 8.43 -12.53
C GLY B 192 36.17 9.14 -12.12
N PHE B 193 35.49 8.68 -11.05
CA PHE B 193 34.19 9.22 -10.60
C PHE B 193 34.10 9.27 -9.09
N SER B 194 33.42 10.30 -8.58
CA SER B 194 33.18 10.57 -7.14
C SER B 194 31.68 10.79 -6.91
N VAL B 195 31.22 10.40 -5.72
CA VAL B 195 29.85 10.69 -5.20
C VAL B 195 29.94 11.96 -4.35
N LEU B 196 29.30 13.05 -4.81
CA LEU B 196 29.01 14.26 -4.01
C LEU B 196 27.74 13.98 -3.22
N THR B 197 27.79 14.06 -1.89
CA THR B 197 26.62 13.88 -1.00
C THR B 197 26.41 15.13 -0.15
N CYS B 198 25.25 15.77 -0.30
CA CYS B 198 24.80 16.96 0.47
C CYS B 198 23.80 16.51 1.53
N SER B 199 24.12 16.71 2.81
CA SER B 199 23.31 16.26 3.97
C SER B 199 22.76 17.46 4.74
N ALA B 200 21.44 17.41 4.97
CA ALA B 200 20.68 18.28 5.90
C ALA B 200 20.37 17.46 7.16
N PHE B 201 20.85 17.92 8.32
CA PHE B 201 20.61 17.29 9.63
C PHE B 201 19.67 18.15 10.51
N SER B 202 18.94 17.48 11.40
CA SER B 202 17.91 18.02 12.34
C SER B 202 17.35 19.38 11.87
N PHE B 203 16.41 19.34 10.91
CA PHE B 203 15.63 20.52 10.47
C PHE B 203 14.13 20.26 10.66
N TYR B 204 13.39 21.35 10.86
CA TYR B 204 11.91 21.42 10.89
C TYR B 204 11.49 22.81 10.42
N PRO B 205 10.39 22.98 9.65
CA PRO B 205 9.55 21.90 9.12
C PRO B 205 10.21 21.05 8.04
N PRO B 206 9.55 19.97 7.55
CA PRO B 206 10.19 18.94 6.72
C PRO B 206 10.37 19.33 5.25
N GLU B 207 9.63 20.32 4.77
CA GLU B 207 9.77 20.85 3.38
C GLU B 207 11.18 21.45 3.24
N LEU B 208 11.98 20.90 2.30
CA LEU B 208 13.40 21.29 2.09
C LEU B 208 13.81 20.96 0.65
N GLN B 209 14.51 21.88 -0.02
CA GLN B 209 14.97 21.72 -1.42
C GLN B 209 16.50 21.83 -1.47
N LEU B 210 17.18 20.70 -1.76
CA LEU B 210 18.64 20.59 -2.01
C LEU B 210 18.89 20.47 -3.51
N ARG B 211 19.85 21.24 -4.03
CA ARG B 211 20.34 21.11 -5.42
C ARG B 211 21.82 21.53 -5.48
N PHE B 212 22.45 21.20 -6.61
CA PHE B 212 23.91 21.34 -6.86
C PHE B 212 24.17 22.41 -7.93
N LEU B 213 25.21 23.21 -7.72
CA LEU B 213 25.76 24.13 -8.74
C LEU B 213 27.17 23.65 -9.14
N ARG B 214 27.62 24.05 -10.32
CA ARG B 214 29.03 23.91 -10.80
C ARG B 214 29.46 25.27 -11.38
N ASN B 215 30.49 25.89 -10.78
CA ASN B 215 30.94 27.26 -11.16
C ASN B 215 29.70 28.13 -11.41
N GLY B 216 28.82 28.22 -10.40
CA GLY B 216 27.64 29.11 -10.37
C GLY B 216 26.43 28.53 -11.11
N LEU B 217 26.65 27.58 -12.03
CA LEU B 217 25.61 27.08 -12.97
C LEU B 217 24.83 25.92 -12.33
N ALA B 218 23.53 25.85 -12.64
CA ALA B 218 22.61 24.75 -12.27
C ALA B 218 23.16 23.40 -12.76
N ALA B 219 23.51 22.51 -11.83
CA ALA B 219 23.98 21.13 -12.09
C ALA B 219 22.91 20.11 -11.70
N GLY B 220 21.71 20.56 -11.31
CA GLY B 220 20.57 19.68 -11.00
C GLY B 220 20.46 19.34 -9.52
N THR B 221 19.42 18.60 -9.15
CA THR B 221 18.98 18.31 -7.76
C THR B 221 19.62 17.05 -7.19
N GLY B 222 20.38 16.28 -7.98
CA GLY B 222 20.86 14.94 -7.58
C GLY B 222 19.70 14.00 -7.25
N GLN B 223 20.00 12.81 -6.70
CA GLN B 223 19.00 11.81 -6.25
C GLN B 223 18.76 12.01 -4.74
N GLY B 224 17.53 12.41 -4.38
CA GLY B 224 17.13 12.79 -3.02
C GLY B 224 16.99 11.61 -2.08
N ASP B 225 16.31 11.83 -0.96
CA ASP B 225 16.19 10.91 0.20
C ASP B 225 15.85 11.75 1.42
N PHE B 226 15.16 11.17 2.39
CA PHE B 226 14.44 11.92 3.45
C PHE B 226 13.94 10.95 4.52
N GLY B 227 13.99 11.38 5.78
CA GLY B 227 13.64 10.53 6.93
C GLY B 227 13.44 11.33 8.22
N PRO B 228 12.69 10.76 9.20
CA PRO B 228 12.53 11.40 10.50
C PRO B 228 13.65 11.10 11.49
N ASN B 229 13.84 11.95 12.49
CA ASN B 229 14.67 11.71 13.71
C ASN B 229 13.75 11.36 14.88
N SER B 230 14.30 10.89 16.01
CA SER B 230 13.53 10.38 17.19
C SER B 230 12.87 11.53 17.95
N ASP B 231 13.21 12.78 17.62
CA ASP B 231 12.85 14.00 18.39
C ASP B 231 12.00 14.95 17.55
N GLY B 232 11.36 14.46 16.49
CA GLY B 232 10.43 15.25 15.67
C GLY B 232 11.11 16.08 14.58
N SER B 233 12.44 16.14 14.54
CA SER B 233 13.21 16.79 13.44
C SER B 233 13.28 15.85 12.23
N PHE B 234 13.84 16.32 11.12
CA PHE B 234 13.99 15.55 9.86
C PHE B 234 15.43 15.60 9.35
N HIS B 235 15.68 14.79 8.32
CA HIS B 235 17.03 14.52 7.73
C HIS B 235 16.84 14.30 6.24
N ALA B 236 17.78 14.77 5.44
CA ALA B 236 17.77 14.62 3.96
C ALA B 236 19.21 14.50 3.49
N SER B 237 19.44 13.74 2.41
CA SER B 237 20.69 13.73 1.61
C SER B 237 20.32 13.66 0.14
N SER B 238 21.05 14.38 -0.69
CA SER B 238 20.98 14.27 -2.17
C SER B 238 22.38 13.96 -2.66
N SER B 239 22.51 12.99 -3.58
CA SER B 239 23.82 12.58 -4.15
C SER B 239 23.82 12.79 -5.67
N LEU B 240 24.93 13.33 -6.18
CA LEU B 240 25.24 13.53 -7.63
C LEU B 240 26.64 13.01 -7.90
N THR B 241 26.80 12.15 -8.90
CA THR B 241 28.10 11.61 -9.35
C THR B 241 28.80 12.70 -10.18
N VAL B 242 30.06 12.98 -9.88
CA VAL B 242 30.88 14.01 -10.58
C VAL B 242 32.19 13.36 -11.03
N LYS B 243 32.94 14.04 -11.91
CA LYS B 243 34.33 13.66 -12.27
C LYS B 243 35.17 13.81 -11.00
N SER B 244 35.77 12.73 -10.52
CA SER B 244 36.85 12.84 -9.51
C SER B 244 37.90 13.80 -10.11
N GLY B 245 38.22 14.89 -9.40
CA GLY B 245 39.08 15.99 -9.87
C GLY B 245 38.27 17.22 -10.30
N ASP B 246 36.94 17.12 -10.25
CA ASP B 246 36.02 18.23 -10.58
C ASP B 246 35.29 18.70 -9.31
N GLU B 247 35.51 18.01 -8.18
CA GLU B 247 34.63 18.07 -6.98
C GLU B 247 34.56 19.49 -6.44
N HIS B 248 35.67 20.23 -6.47
CA HIS B 248 35.80 21.57 -5.83
C HIS B 248 35.03 22.63 -6.64
N HIS B 249 34.65 22.34 -7.89
CA HIS B 249 33.83 23.25 -8.74
C HIS B 249 32.36 23.21 -8.29
N TYR B 250 32.00 22.28 -7.41
CA TYR B 250 30.59 22.03 -7.00
C TYR B 250 30.33 22.57 -5.58
N CYS B 251 29.12 23.10 -5.38
CA CYS B 251 28.58 23.52 -4.06
C CYS B 251 27.10 23.12 -3.99
N CYS B 252 26.53 23.11 -2.79
CA CYS B 252 25.16 22.64 -2.51
C CYS B 252 24.30 23.81 -2.03
N ILE B 253 23.15 24.03 -2.68
CA ILE B 253 22.16 25.07 -2.29
C ILE B 253 20.98 24.37 -1.61
N VAL B 254 20.81 24.66 -0.31
CA VAL B 254 19.59 24.31 0.46
C VAL B 254 18.66 25.53 0.45
N GLN B 255 17.36 25.27 0.40
CA GLN B 255 16.26 26.25 0.64
C GLN B 255 15.43 25.65 1.79
N HIS B 256 15.00 26.48 2.76
CA HIS B 256 14.24 26.02 3.96
C HIS B 256 13.48 27.18 4.58
N ALA B 257 12.28 26.92 5.09
CA ALA B 257 11.43 27.90 5.81
C ALA B 257 12.24 28.52 6.95
N GLY B 258 13.19 27.77 7.53
CA GLY B 258 14.09 28.21 8.60
C GLY B 258 15.11 29.26 8.18
N LEU B 259 15.37 29.42 6.88
CA LEU B 259 16.38 30.37 6.35
C LEU B 259 15.70 31.52 5.58
N ALA B 260 16.02 32.77 5.95
CA ALA B 260 15.61 33.98 5.22
C ALA B 260 16.02 33.84 3.75
N GLN B 261 17.32 33.60 3.50
CA GLN B 261 17.92 33.46 2.14
C GLN B 261 18.45 32.04 1.98
N PRO B 262 18.49 31.49 0.74
CA PRO B 262 19.04 30.14 0.52
C PRO B 262 20.48 30.04 1.02
N LEU B 263 20.90 28.85 1.44
CA LEU B 263 22.24 28.61 2.06
C LEU B 263 23.11 27.79 1.11
N ARG B 264 24.26 28.35 0.73
CA ARG B 264 25.22 27.80 -0.26
C ARG B 264 26.32 27.10 0.54
N VAL B 265 26.46 25.78 0.41
CA VAL B 265 27.41 24.97 1.23
C VAL B 265 28.59 24.58 0.34
N GLU B 266 29.80 24.88 0.79
CA GLU B 266 31.07 24.51 0.10
C GLU B 266 31.57 23.17 0.64
N LEU B 267 32.51 22.56 -0.08
CA LEU B 267 32.97 21.16 0.14
C LEU B 267 33.81 21.08 1.41
N ILE C 1 -1.79 -6.16 -1.00
CA ILE C 1 -0.48 -6.35 -1.72
C ILE C 1 0.65 -6.46 -0.68
N GLN C 2 1.82 -6.94 -1.10
CA GLN C 2 3.07 -6.96 -0.27
C GLN C 2 4.00 -5.88 -0.80
N ARG C 3 4.76 -5.20 0.06
CA ARG C 3 5.78 -4.19 -0.37
C ARG C 3 7.07 -4.36 0.44
N THR C 4 8.22 -4.39 -0.24
CA THR C 4 9.55 -4.57 0.40
C THR C 4 9.96 -3.27 1.09
N PRO C 5 10.51 -3.36 2.32
CA PRO C 5 11.08 -2.20 3.02
C PRO C 5 12.15 -1.40 2.25
N LYS C 6 12.06 -0.07 2.21
CA LYS C 6 13.24 0.78 1.97
C LYS C 6 13.91 1.07 3.32
N ILE C 7 15.25 1.05 3.37
CA ILE C 7 16.05 1.15 4.62
C ILE C 7 17.04 2.31 4.50
N GLN C 8 16.91 3.32 5.36
CA GLN C 8 17.87 4.45 5.51
C GLN C 8 18.51 4.36 6.90
N VAL C 9 19.81 4.60 6.98
CA VAL C 9 20.61 4.60 8.24
C VAL C 9 21.37 5.92 8.26
N TYR C 10 21.09 6.76 9.24
CA TYR C 10 21.65 8.14 9.32
C TYR C 10 21.75 8.51 10.79
N SER C 11 22.56 9.50 11.12
CA SER C 11 22.74 10.06 12.48
C SER C 11 21.88 11.32 12.64
N ARG C 12 21.43 11.58 13.88
CA ARG C 12 20.57 12.75 14.25
C ARG C 12 21.32 14.07 14.03
N HIS C 13 22.61 14.05 14.37
CA HIS C 13 23.51 15.22 14.23
C HIS C 13 24.70 14.78 13.41
N PRO C 14 25.38 15.71 12.72
CA PRO C 14 26.58 15.34 11.96
C PRO C 14 27.49 14.47 12.84
N ALA C 15 28.09 13.43 12.27
CA ALA C 15 28.94 12.44 12.98
C ALA C 15 30.31 13.06 13.25
N GLU C 16 30.53 13.45 14.50
CA GLU C 16 31.83 13.93 15.05
C GLU C 16 32.33 12.87 16.04
N ASN C 17 33.48 12.23 15.78
CA ASN C 17 34.03 11.15 16.64
C ASN C 17 34.19 11.65 18.08
N GLY C 18 33.91 10.79 19.07
CA GLY C 18 34.03 11.08 20.51
C GLY C 18 32.82 11.76 21.11
N LYS C 19 31.93 12.33 20.27
CA LYS C 19 30.80 13.19 20.68
C LYS C 19 29.48 12.38 20.62
N SER C 20 28.77 12.33 21.75
CA SER C 20 27.40 11.80 21.95
C SER C 20 26.50 12.22 20.78
N ASN C 21 25.68 11.30 20.27
CA ASN C 21 24.80 11.48 19.07
C ASN C 21 23.66 10.45 19.15
N PHE C 22 22.85 10.33 18.08
CA PHE C 22 21.79 9.30 17.90
C PHE C 22 21.92 8.67 16.51
N LEU C 23 22.03 7.33 16.47
CA LEU C 23 21.96 6.50 15.24
C LEU C 23 20.50 6.13 14.97
N ASN C 24 19.99 6.43 13.77
CA ASN C 24 18.62 6.08 13.31
C ASN C 24 18.67 5.04 12.19
N CYS C 25 17.76 4.07 12.24
CA CYS C 25 17.40 3.15 11.14
C CYS C 25 15.94 3.44 10.77
N TYR C 26 15.71 4.02 9.60
CA TYR C 26 14.37 4.35 9.08
C TYR C 26 13.98 3.27 8.07
N VAL C 27 12.83 2.64 8.32
CA VAL C 27 12.24 1.57 7.48
C VAL C 27 10.85 2.04 7.04
N SER C 28 10.63 2.15 5.73
CA SER C 28 9.40 2.74 5.13
C SER C 28 8.96 1.92 3.93
N GLY C 29 7.80 2.27 3.37
CA GLY C 29 7.26 1.73 2.10
C GLY C 29 6.93 0.25 2.14
N PHE C 30 6.81 -0.39 3.31
CA PHE C 30 6.62 -1.86 3.44
C PHE C 30 5.19 -2.23 3.87
N HIS C 31 4.77 -3.45 3.54
CA HIS C 31 3.45 -4.06 3.82
C HIS C 31 3.57 -5.59 3.70
N PRO C 32 3.05 -6.43 4.62
CA PRO C 32 2.30 -5.98 5.82
C PRO C 32 3.14 -5.42 6.97
N SER C 33 2.52 -5.20 8.13
CA SER C 33 3.06 -4.39 9.26
C SER C 33 4.12 -5.16 10.07
N ASP C 34 3.98 -6.48 10.23
CA ASP C 34 4.94 -7.32 10.98
C ASP C 34 6.30 -7.16 10.32
N ILE C 35 7.32 -6.77 11.10
CA ILE C 35 8.73 -6.54 10.64
C ILE C 35 9.63 -6.63 11.87
N GLU C 36 10.86 -7.11 11.70
CA GLU C 36 11.90 -7.17 12.76
C GLU C 36 13.03 -6.21 12.35
N VAL C 37 13.50 -5.40 13.29
CA VAL C 37 14.59 -4.41 13.05
C VAL C 37 15.55 -4.47 14.24
N ASP C 38 16.83 -4.78 13.97
CA ASP C 38 17.94 -4.71 14.95
C ASP C 38 18.98 -3.73 14.43
N LEU C 39 19.55 -2.91 15.32
CA LEU C 39 20.74 -2.07 15.04
C LEU C 39 21.99 -2.85 15.47
N LEU C 40 23.01 -2.90 14.62
CA LEU C 40 24.24 -3.71 14.86
C LEU C 40 25.45 -2.79 15.05
N LYS C 41 26.18 -2.97 16.16
CA LYS C 41 27.49 -2.33 16.45
C LYS C 41 28.57 -3.42 16.40
N ASN C 42 29.50 -3.29 15.45
CA ASN C 42 30.63 -4.26 15.22
C ASN C 42 30.07 -5.67 15.02
N GLY C 43 28.87 -5.80 14.41
CA GLY C 43 28.28 -7.11 14.02
C GLY C 43 27.32 -7.69 15.05
N GLU C 44 27.47 -7.36 16.34
CA GLU C 44 26.56 -7.84 17.42
C GLU C 44 25.43 -6.81 17.61
N ARG C 45 24.26 -7.27 18.06
CA ARG C 45 23.05 -6.43 18.21
C ARG C 45 23.21 -5.54 19.45
N ILE C 46 22.64 -4.34 19.41
CA ILE C 46 22.62 -3.38 20.55
C ILE C 46 21.37 -3.66 21.39
N GLU C 47 21.48 -3.51 22.70
CA GLU C 47 20.41 -3.81 23.68
C GLU C 47 19.50 -2.59 23.87
N LYS C 48 20.06 -1.45 24.31
CA LYS C 48 19.29 -0.22 24.63
C LYS C 48 18.89 0.46 23.33
N VAL C 49 17.94 -0.13 22.61
CA VAL C 49 17.36 0.36 21.32
C VAL C 49 15.88 0.64 21.57
N GLU C 50 15.44 1.88 21.31
CA GLU C 50 14.01 2.28 21.35
C GLU C 50 13.50 2.36 19.89
N HIS C 51 12.19 2.52 19.69
CA HIS C 51 11.61 2.77 18.34
C HIS C 51 10.31 3.60 18.43
N SER C 52 9.94 4.20 17.31
CA SER C 52 8.72 5.06 17.16
C SER C 52 7.53 4.13 16.97
N ASP C 53 6.36 4.71 16.71
CA ASP C 53 5.10 3.95 16.45
C ASP C 53 5.09 3.53 14.99
N LEU C 54 4.76 2.26 14.74
CA LEU C 54 4.33 1.76 13.42
C LEU C 54 3.25 2.72 12.92
N SER C 55 3.59 3.55 11.93
CA SER C 55 2.65 4.46 11.23
C SER C 55 2.71 4.18 9.73
N PHE C 56 1.99 4.95 8.91
CA PHE C 56 1.89 4.69 7.45
C PHE C 56 1.71 6.00 6.69
N SER C 57 2.08 5.99 5.41
CA SER C 57 2.08 7.17 4.48
C SER C 57 0.78 7.15 3.66
N LYS C 58 0.64 8.16 2.80
CA LYS C 58 -0.58 8.45 2.02
C LYS C 58 -0.88 7.21 1.16
N ASP C 59 0.15 6.50 0.69
CA ASP C 59 0.01 5.27 -0.15
C ASP C 59 -0.30 4.03 0.70
N TRP C 60 -0.53 4.20 2.00
CA TRP C 60 -0.93 3.14 2.97
C TRP C 60 0.25 2.30 3.43
N SER C 61 1.44 2.44 2.83
CA SER C 61 2.66 1.66 3.18
C SER C 61 3.17 2.10 4.55
N PHE C 62 3.65 1.14 5.35
CA PHE C 62 4.04 1.34 6.76
C PHE C 62 5.43 1.96 6.82
N TYR C 63 5.78 2.49 7.98
CA TYR C 63 7.09 3.09 8.26
C TYR C 63 7.27 3.16 9.77
N LEU C 64 8.52 3.26 10.20
CA LEU C 64 8.96 2.97 11.59
C LEU C 64 10.36 3.54 11.76
N LEU C 65 10.65 4.17 12.90
CA LEU C 65 12.02 4.68 13.19
C LEU C 65 12.60 3.92 14.39
N TYR C 66 13.75 3.28 14.18
CA TYR C 66 14.61 2.68 15.23
C TYR C 66 15.80 3.59 15.45
N TYR C 67 16.18 3.79 16.71
CA TYR C 67 17.24 4.76 17.08
C TYR C 67 17.84 4.38 18.42
N THR C 68 19.12 4.70 18.59
CA THR C 68 19.87 4.49 19.84
C THR C 68 20.79 5.70 20.08
N GLU C 69 20.98 6.05 21.36
CA GLU C 69 22.00 7.01 21.84
C GLU C 69 23.36 6.31 21.76
N PHE C 70 24.36 6.96 21.17
CA PHE C 70 25.72 6.37 20.96
C PHE C 70 26.75 7.47 20.76
N THR C 71 28.02 7.08 20.89
CA THR C 71 29.23 7.91 20.70
C THR C 71 30.12 7.22 19.67
N PRO C 72 30.06 7.63 18.38
CA PRO C 72 30.87 7.00 17.34
C PRO C 72 32.37 7.28 17.49
N THR C 73 33.22 6.33 17.08
CA THR C 73 34.70 6.45 17.02
C THR C 73 35.14 6.52 15.55
N GLU C 74 36.43 6.24 15.28
CA GLU C 74 37.03 6.23 13.92
C GLU C 74 37.02 4.80 13.35
N LYS C 75 36.99 3.78 14.21
CA LYS C 75 37.16 2.35 13.81
C LYS C 75 35.84 1.57 13.98
N ASP C 76 34.94 1.99 14.87
CA ASP C 76 33.63 1.33 15.13
C ASP C 76 32.74 1.40 13.89
N GLU C 77 32.03 0.31 13.58
CA GLU C 77 31.07 0.24 12.45
C GLU C 77 29.66 -0.04 13.00
N TYR C 78 28.65 0.47 12.29
CA TYR C 78 27.21 0.33 12.62
C TYR C 78 26.45 -0.11 11.36
N ALA C 79 25.40 -0.91 11.56
CA ALA C 79 24.51 -1.40 10.48
C ALA C 79 23.08 -1.51 10.99
N CYS C 80 22.15 -1.78 10.09
CA CYS C 80 20.73 -2.09 10.44
C CYS C 80 20.32 -3.37 9.73
N ARG C 81 19.85 -4.35 10.50
CA ARG C 81 19.36 -5.67 10.03
C ARG C 81 17.82 -5.64 10.08
N VAL C 82 17.17 -6.05 8.99
CA VAL C 82 15.69 -6.01 8.82
C VAL C 82 15.20 -7.35 8.27
N ASN C 83 14.22 -7.98 8.91
CA ASN C 83 13.48 -9.13 8.34
C ASN C 83 11.99 -8.79 8.18
N HIS C 84 11.39 -9.31 7.12
CA HIS C 84 10.01 -9.02 6.65
C HIS C 84 9.61 -10.16 5.72
N VAL C 85 8.36 -10.58 5.72
CA VAL C 85 7.91 -11.76 4.93
C VAL C 85 8.42 -11.64 3.48
N THR C 86 8.54 -10.42 2.93
CA THR C 86 9.00 -10.18 1.52
C THR C 86 10.52 -10.37 1.36
N LEU C 87 11.26 -10.73 2.41
CA LEU C 87 12.72 -10.99 2.36
C LEU C 87 13.00 -12.43 2.81
N SER C 88 13.68 -13.19 1.93
CA SER C 88 14.08 -14.60 2.15
C SER C 88 15.33 -14.67 3.05
N GLN C 89 16.02 -13.55 3.24
CA GLN C 89 17.21 -13.42 4.12
C GLN C 89 17.21 -12.03 4.78
N PRO C 90 17.67 -11.91 6.04
CA PRO C 90 17.79 -10.61 6.68
C PRO C 90 18.62 -9.69 5.78
N LYS C 91 18.22 -8.43 5.64
CA LYS C 91 18.94 -7.42 4.82
C LYS C 91 19.69 -6.45 5.74
N ILE C 92 21.02 -6.44 5.67
CA ILE C 92 21.92 -5.53 6.45
C ILE C 92 22.20 -4.28 5.59
N VAL C 93 21.99 -3.10 6.16
CA VAL C 93 22.41 -1.80 5.55
C VAL C 93 23.38 -1.13 6.52
N LYS C 94 24.65 -1.02 6.12
CA LYS C 94 25.75 -0.47 6.96
C LYS C 94 25.65 1.06 6.96
N TRP C 95 25.89 1.67 8.13
CA TRP C 95 25.86 3.15 8.32
C TRP C 95 27.02 3.76 7.56
N ASP C 96 26.72 4.64 6.61
CA ASP C 96 27.69 5.48 5.88
C ASP C 96 27.49 6.93 6.36
N ARG C 97 28.56 7.59 6.79
CA ARG C 97 28.53 8.94 7.42
C ARG C 97 28.25 10.00 6.34
N ASP C 98 28.78 9.82 5.11
CA ASP C 98 28.41 10.61 3.91
C ASP C 98 26.87 10.76 3.86
N MET C 99 26.18 9.63 4.05
CA MET C 99 24.75 9.35 3.73
C MET C 99 24.71 8.64 2.36
C1 NAG D . 7.01 -29.92 -24.19
C2 NAG D . 6.36 -29.27 -25.42
C3 NAG D . 5.96 -27.84 -25.10
C4 NAG D . 4.93 -27.88 -23.97
C5 NAG D . 5.50 -28.64 -22.77
C6 NAG D . 4.44 -28.87 -21.68
C7 NAG D . 7.10 -30.38 -27.48
C8 NAG D . 7.97 -30.29 -28.70
N2 NAG D . 7.21 -29.36 -26.60
O3 NAG D . 5.43 -27.18 -26.26
O4 NAG D . 4.54 -26.56 -23.53
O5 NAG D . 6.03 -29.92 -23.14
O6 NAG D . 3.14 -29.05 -22.27
O7 NAG D . 6.35 -31.33 -27.33
C1 NAG D . 3.30 -26.08 -24.13
C2 NAG D . 2.57 -25.07 -23.22
C3 NAG D . 1.33 -24.53 -23.90
C4 NAG D . 1.61 -24.04 -25.32
C5 NAG D . 2.39 -25.08 -26.12
C6 NAG D . 2.81 -24.52 -27.49
C7 NAG D . 2.60 -25.34 -20.75
C8 NAG D . 2.03 -26.17 -19.63
N2 NAG D . 2.16 -25.68 -21.97
O3 NAG D . 0.78 -23.46 -23.12
O4 NAG D . 0.36 -23.83 -25.97
O5 NAG D . 3.56 -25.49 -25.40
O6 NAG D . 3.82 -23.52 -27.35
O7 NAG D . 3.39 -24.43 -20.51
C1 BMA D . -0.18 -22.53 -25.73
C2 BMA D . -0.80 -22.06 -27.04
C3 BMA D . -1.42 -20.69 -26.86
C4 BMA D . -2.46 -20.74 -25.75
C5 BMA D . -1.86 -21.28 -24.46
C6 BMA D . -2.92 -21.54 -23.39
O2 BMA D . -1.80 -23.00 -27.45
O3 BMA D . -2.07 -20.26 -28.07
O4 BMA D . -2.96 -19.40 -25.61
O5 BMA D . -1.16 -22.53 -24.69
O6 BMA D . -2.29 -22.28 -22.33
C1 MAN D . -1.57 -19.00 -28.56
C2 MAN D . -2.73 -18.12 -28.95
C3 MAN D . -3.66 -18.88 -29.89
C4 MAN D . -2.87 -19.35 -31.11
C5 MAN D . -1.44 -19.84 -30.79
C6 MAN D . -0.58 -19.70 -32.03
O2 MAN D . -2.23 -16.98 -29.67
O3 MAN D . -4.74 -18.03 -30.31
O4 MAN D . -3.61 -20.41 -31.69
O5 MAN D . -0.79 -19.11 -29.73
O6 MAN D . -0.06 -18.37 -32.08
C1 NAG D . -2.80 -15.77 -29.13
C2 NAG D . -2.15 -14.61 -29.88
C3 NAG D . -2.73 -13.32 -29.35
C4 NAG D . -4.24 -13.36 -29.61
C5 NAG D . -4.91 -14.54 -28.88
C6 NAG D . -6.38 -14.69 -29.30
C7 NAG D . 0.11 -15.28 -30.59
C8 NAG D . 1.56 -15.34 -30.23
N2 NAG D . -0.70 -14.66 -29.72
O3 NAG D . -2.14 -12.20 -30.00
O4 NAG D . -4.79 -12.13 -29.16
O5 NAG D . -4.23 -15.76 -29.21
O6 NAG D . -7.27 -14.24 -28.27
O7 NAG D . -0.32 -15.81 -31.61
C1 MAN D . -3.04 -22.32 -21.11
C2 MAN D . -2.06 -22.46 -19.94
C3 MAN D . -1.34 -23.80 -20.12
C4 MAN D . -2.35 -24.94 -20.14
C5 MAN D . -3.50 -24.72 -21.12
C6 MAN D . -4.65 -25.64 -20.73
O2 MAN D . -2.71 -22.47 -18.65
O3 MAN D . -0.43 -23.99 -19.03
O4 MAN D . -1.66 -26.15 -20.48
O5 MAN D . -4.00 -23.37 -21.14
O6 MAN D . -5.58 -25.73 -21.81
C1 NAG D . -2.90 -21.16 -18.09
C2 NAG D . -4.35 -21.04 -17.64
C3 NAG D . -4.60 -19.75 -16.88
C4 NAG D . -3.60 -19.59 -15.74
C5 NAG D . -2.18 -19.68 -16.27
C6 NAG D . -1.21 -19.53 -15.08
C7 NAG D . -6.15 -22.10 -18.94
C8 NAG D . -7.07 -21.95 -20.12
N2 NAG D . -5.29 -21.10 -18.75
O3 NAG D . -5.94 -19.83 -16.38
O4 NAG D . -3.73 -18.34 -15.04
O5 NAG D . -2.00 -20.92 -16.99
O6 NAG D . -0.02 -20.30 -15.24
O7 NAG D . -6.21 -23.10 -18.22
C1 FUL D . 2.31 -29.85 -21.56
C2 FUL D . 2.49 -31.38 -21.62
O2 FUL D . 3.20 -31.85 -20.45
C3 FUL D . 1.20 -32.20 -21.78
O3 FUL D . 0.95 -32.34 -23.19
C4 FUL D . -0.04 -31.60 -21.10
O4 FUL D . -1.09 -31.41 -22.06
C5 FUL D . 0.26 -30.27 -20.42
C6 FUL D . -1.01 -29.56 -19.94
O5 FUL D . 0.96 -29.45 -21.34
#